data_4AFD
#
_entry.id   4AFD
#
_cell.length_a   48.773
_cell.length_b   48.773
_cell.length_c   193.719
_cell.angle_alpha   90.00
_cell.angle_beta   90.00
_cell.angle_gamma   120.00
#
_symmetry.space_group_name_H-M   'P 61 2 2'
#
loop_
_entity.id
_entity.type
_entity.pdbx_description
1 polymer 'ENDOGLUCANASE CEL5A'
2 branched beta-D-glucopyranose-(1-4)-beta-D-glucopyranose-(1-4)-beta-D-glucopyranose-(1-4)-beta-D-glucopyranose
3 water water
#
_entity_poly.entity_id   1
_entity_poly.type   'polypeptide(L)'
_entity_poly.pdbx_seq_one_letter_code
;ASGADIVLFSGSKHVEFTDWGGTDWPSAYELQPPYQTMPFDLNKNFEIKVDYSGADIVLIFARWEHGSKPQIWAQISPYY
VVDGTAVFTKEQIAKAYGSDDFSDLDYIGVKPLPSADGMTVTKIVASYTSGSSDD
;
_entity_poly.pdbx_strand_id   A
#
loop_
_chem_comp.id
_chem_comp.type
_chem_comp.name
_chem_comp.formula
BGC D-saccharide, beta linking beta-D-glucopyranose 'C6 H12 O6'
#
# COMPACT_ATOMS: atom_id res chain seq x y z
N GLY A 3 -7.62 15.87 -13.35
CA GLY A 3 -9.02 15.52 -12.99
C GLY A 3 -9.05 14.86 -11.62
N ALA A 4 -8.55 15.58 -10.60
CA ALA A 4 -8.82 15.25 -9.17
C ALA A 4 -7.99 14.08 -8.54
N ASP A 5 -6.95 13.68 -9.24
CA ASP A 5 -5.93 12.74 -8.63
C ASP A 5 -5.40 13.42 -7.34
N ILE A 6 -5.09 12.62 -6.39
CA ILE A 6 -4.42 13.06 -5.14
C ILE A 6 -3.03 12.51 -5.19
N VAL A 7 -2.00 13.34 -5.10
CA VAL A 7 -0.60 12.87 -5.02
C VAL A 7 -0.25 12.62 -3.57
N LEU A 8 0.03 11.38 -3.21
CA LEU A 8 0.45 10.98 -1.86
C LEU A 8 1.93 11.12 -1.71
N PHE A 9 2.66 11.07 -2.79
CA PHE A 9 4.13 11.22 -2.80
C PHE A 9 4.58 11.49 -4.19
N SER A 10 5.56 12.35 -4.45
CA SER A 10 6.26 12.38 -5.72
CA SER A 10 6.28 12.26 -5.68
C SER A 10 7.70 12.74 -5.39
N GLY A 11 8.70 12.08 -5.98
CA GLY A 11 10.11 12.36 -5.69
C GLY A 11 10.90 11.15 -6.07
N SER A 12 11.78 10.68 -5.21
CA SER A 12 12.62 9.57 -5.50
C SER A 12 12.94 8.87 -4.20
N LYS A 13 12.12 7.96 -3.68
CA LYS A 13 12.31 7.32 -2.37
C LYS A 13 12.90 5.96 -2.65
N HIS A 14 14.05 5.65 -2.12
CA HIS A 14 14.75 4.39 -2.30
C HIS A 14 14.67 3.55 -1.09
N VAL A 15 14.33 2.29 -1.20
CA VAL A 15 14.23 1.35 -0.04
C VAL A 15 15.18 0.20 -0.31
N GLU A 16 16.14 -0.01 0.50
CA GLU A 16 17.01 -1.22 0.46
CA GLU A 16 17.04 -1.15 0.42
C GLU A 16 16.46 -2.33 1.24
N PHE A 17 16.40 -3.50 0.62
CA PHE A 17 15.84 -4.70 1.25
C PHE A 17 16.26 -5.89 0.40
N THR A 18 17.33 -6.55 0.92
CA THR A 18 18.06 -7.53 0.05
C THR A 18 17.58 -8.96 0.29
N ASP A 19 16.90 -9.22 1.43
CA ASP A 19 16.43 -10.56 1.73
C ASP A 19 15.51 -10.42 2.91
N TRP A 20 14.80 -11.53 3.16
CA TRP A 20 13.77 -11.52 4.21
C TRP A 20 14.40 -11.40 5.57
N GLY A 21 15.54 -12.05 5.77
CA GLY A 21 16.32 -11.97 7.06
C GLY A 21 15.59 -11.92 8.42
N GLY A 22 15.22 -10.69 8.87
CA GLY A 22 14.34 -10.49 10.04
C GLY A 22 12.86 -10.67 9.70
N THR A 23 11.97 -10.07 10.49
CA THR A 23 10.55 -9.83 10.05
C THR A 23 10.29 -8.32 10.25
N ASP A 24 11.45 -7.65 10.35
CA ASP A 24 11.62 -6.23 10.08
CA ASP A 24 11.57 -6.24 10.08
C ASP A 24 11.60 -5.98 8.56
N TRP A 25 10.76 -5.07 8.12
CA TRP A 25 10.44 -5.00 6.67
C TRP A 25 10.25 -3.57 6.34
N PRO A 26 11.28 -2.94 5.71
CA PRO A 26 11.19 -1.52 5.42
C PRO A 26 10.10 -1.16 4.41
N SER A 27 9.73 0.08 4.36
CA SER A 27 8.63 0.57 3.50
C SER A 27 9.03 1.73 2.63
N ALA A 28 8.32 1.94 1.54
CA ALA A 28 8.38 3.14 0.78
C ALA A 28 7.45 4.21 1.24
N TYR A 29 6.32 3.85 1.86
CA TYR A 29 5.27 4.80 2.20
C TYR A 29 4.43 4.11 3.27
N GLU A 30 4.02 4.84 4.27
CA GLU A 30 3.13 4.30 5.35
C GLU A 30 2.19 5.28 5.81
N LEU A 31 0.99 4.88 6.16
CA LEU A 31 -0.06 5.70 6.89
C LEU A 31 -0.56 4.94 8.06
N GLN A 32 -0.93 5.58 9.14
CA GLN A 32 -1.62 4.91 10.24
CA GLN A 32 -1.66 4.93 10.19
C GLN A 32 -2.95 5.72 10.44
N PRO A 33 -4.02 5.34 9.82
CA PRO A 33 -5.28 6.14 9.92
C PRO A 33 -5.73 6.51 11.30
N PRO A 34 -5.60 5.72 12.33
CA PRO A 34 -6.08 6.12 13.66
C PRO A 34 -5.24 7.27 14.19
N TYR A 35 -4.06 7.57 13.63
CA TYR A 35 -3.11 8.54 14.24
C TYR A 35 -2.82 9.68 13.34
N GLN A 36 -3.06 9.73 12.07
CA GLN A 36 -2.60 10.74 11.04
CA GLN A 36 -2.73 10.88 11.24
C GLN A 36 -3.85 11.17 10.29
N THR A 37 -4.09 12.47 10.11
CA THR A 37 -5.18 12.90 9.20
C THR A 37 -4.93 12.27 7.86
N MET A 38 -6.00 11.92 7.18
CA MET A 38 -5.86 11.12 5.92
C MET A 38 -5.84 12.00 4.68
N PRO A 39 -4.94 11.66 3.74
CA PRO A 39 -4.84 12.41 2.49
C PRO A 39 -5.88 12.06 1.49
N PHE A 40 -6.59 10.91 1.63
CA PHE A 40 -7.63 10.55 0.72
C PHE A 40 -8.75 9.89 1.54
N ASP A 41 -9.88 9.69 0.88
CA ASP A 41 -11.06 9.12 1.59
C ASP A 41 -11.23 7.63 1.16
N LEU A 42 -10.95 6.74 2.14
CA LEU A 42 -11.12 5.28 1.93
C LEU A 42 -12.53 4.88 1.63
N ASN A 43 -13.55 5.71 1.86
CA ASN A 43 -14.93 5.31 1.55
C ASN A 43 -15.28 5.53 0.11
N LYS A 44 -14.52 6.27 -0.64
CA LYS A 44 -14.79 6.39 -2.09
C LYS A 44 -14.27 5.14 -2.78
N ASN A 45 -14.73 4.94 -4.03
CA ASN A 45 -14.14 3.90 -4.86
C ASN A 45 -12.76 4.32 -5.44
N PHE A 46 -11.74 3.89 -4.88
CA PHE A 46 -10.43 4.45 -5.21
C PHE A 46 -9.51 3.39 -5.82
N GLU A 47 -8.46 3.88 -6.53
CA GLU A 47 -7.34 3.06 -6.92
C GLU A 47 -6.07 3.73 -6.42
N ILE A 48 -5.06 2.96 -6.05
CA ILE A 48 -3.74 3.54 -5.72
CA ILE A 48 -3.72 3.47 -5.61
C ILE A 48 -2.79 3.13 -6.78
N LYS A 49 -2.09 4.06 -7.38
CA LYS A 49 -1.12 3.76 -8.44
C LYS A 49 0.26 4.18 -8.05
N VAL A 50 1.24 3.30 -8.19
CA VAL A 50 2.60 3.55 -7.71
C VAL A 50 3.51 3.46 -8.86
N ASP A 51 4.34 4.47 -9.12
CA ASP A 51 5.42 4.40 -10.14
C ASP A 51 6.66 3.95 -9.43
N TYR A 52 7.27 2.84 -9.86
CA TYR A 52 8.34 2.20 -9.09
C TYR A 52 9.28 1.44 -10.04
N SER A 53 10.43 1.07 -9.56
CA SER A 53 11.27 0.13 -10.28
C SER A 53 12.19 -0.51 -9.26
N GLY A 54 12.88 -1.62 -9.63
CA GLY A 54 13.99 -2.15 -8.88
C GLY A 54 13.70 -3.41 -8.13
N ALA A 55 12.40 -3.64 -7.83
CA ALA A 55 11.95 -4.79 -7.02
C ALA A 55 10.48 -4.92 -7.34
N ASP A 56 9.97 -6.08 -7.01
CA ASP A 56 8.50 -6.24 -6.99
C ASP A 56 7.92 -5.59 -5.76
N ILE A 57 6.67 -5.22 -5.84
CA ILE A 57 6.04 -4.31 -4.87
C ILE A 57 4.79 -4.95 -4.31
N VAL A 58 4.44 -4.66 -3.08
CA VAL A 58 3.15 -5.06 -2.50
C VAL A 58 2.55 -3.86 -1.73
N LEU A 59 1.25 -3.96 -1.52
CA LEU A 59 0.49 -3.01 -0.69
C LEU A 59 -0.04 -3.77 0.46
N ILE A 60 0.08 -3.26 1.68
CA ILE A 60 -0.40 -3.92 2.94
C ILE A 60 -1.49 -3.05 3.48
N PHE A 61 -2.67 -3.62 3.79
CA PHE A 61 -3.66 -3.05 4.69
C PHE A 61 -3.69 -3.87 5.93
N ALA A 62 -3.52 -3.37 7.15
CA ALA A 62 -3.42 -4.23 8.32
C ALA A 62 -4.28 -3.70 9.41
N ARG A 63 -4.80 -4.60 10.25
CA ARG A 63 -5.48 -4.32 11.53
C ARG A 63 -4.76 -5.06 12.57
N TRP A 64 -4.28 -4.46 13.64
CA TRP A 64 -3.64 -5.22 14.73
C TRP A 64 -4.66 -5.99 15.52
N GLU A 65 -4.21 -7.09 16.12
CA GLU A 65 -5.10 -7.86 17.00
CA GLU A 65 -5.09 -7.85 16.99
C GLU A 65 -5.59 -6.95 18.15
N HIS A 66 -6.84 -7.07 18.45
CA HIS A 66 -7.47 -6.27 19.57
C HIS A 66 -8.53 -7.20 20.13
N GLY A 67 -8.46 -7.57 21.42
CA GLY A 67 -9.53 -8.43 22.00
C GLY A 67 -9.68 -9.76 21.26
N SER A 68 -10.89 -10.12 20.88
CA SER A 68 -11.07 -11.38 20.15
C SER A 68 -11.11 -11.21 18.62
N LYS A 69 -10.73 -10.02 18.12
CA LYS A 69 -10.65 -9.75 16.66
CA LYS A 69 -10.63 -9.85 16.69
C LYS A 69 -9.18 -9.95 16.25
N PRO A 70 -8.92 -10.83 15.30
CA PRO A 70 -7.55 -11.23 14.94
C PRO A 70 -6.85 -10.06 14.17
N GLN A 71 -5.56 -10.19 14.12
CA GLN A 71 -4.77 -9.38 13.18
C GLN A 71 -5.12 -9.69 11.74
N ILE A 72 -5.37 -8.67 10.92
CA ILE A 72 -5.50 -8.79 9.47
C ILE A 72 -4.22 -8.30 8.89
N TRP A 73 -3.55 -9.09 8.07
CA TRP A 73 -2.38 -8.61 7.28
C TRP A 73 -2.71 -8.86 5.83
N ALA A 74 -3.34 -7.89 5.19
CA ALA A 74 -3.83 -8.02 3.77
C ALA A 74 -2.63 -7.63 2.88
N GLN A 75 -1.77 -8.49 2.53
CA GLN A 75 -0.69 -8.23 1.64
C GLN A 75 -1.15 -8.52 0.22
N ILE A 76 -1.15 -7.51 -0.62
CA ILE A 76 -1.79 -7.47 -1.88
CA ILE A 76 -1.66 -7.78 -1.99
C ILE A 76 -0.65 -7.29 -2.97
N SER A 77 -0.58 -8.17 -3.96
CA SER A 77 0.21 -7.83 -5.17
CA SER A 77 0.11 -7.89 -5.20
C SER A 77 -0.65 -6.89 -6.04
N PRO A 78 0.01 -6.25 -7.05
CA PRO A 78 -0.77 -5.32 -7.88
C PRO A 78 -1.98 -6.00 -8.54
N TYR A 79 -3.08 -5.31 -8.68
CA TYR A 79 -4.15 -5.78 -9.53
C TYR A 79 -3.51 -5.99 -10.91
N TYR A 80 -2.75 -5.06 -11.43
CA TYR A 80 -1.87 -5.30 -12.60
C TYR A 80 -0.76 -4.33 -12.51
N VAL A 81 0.26 -4.60 -13.27
CA VAL A 81 1.39 -3.67 -13.57
CA VAL A 81 1.29 -3.61 -13.57
C VAL A 81 1.29 -3.31 -15.04
N VAL A 82 1.54 -2.07 -15.38
CA VAL A 82 1.70 -1.58 -16.81
C VAL A 82 2.88 -0.67 -16.78
N ASP A 83 3.81 -0.78 -17.71
CA ASP A 83 5.13 -0.23 -17.72
CA ASP A 83 5.00 -0.11 -17.72
C ASP A 83 5.69 -0.34 -16.38
N GLY A 84 5.91 0.84 -15.84
CA GLY A 84 6.60 1.02 -14.53
C GLY A 84 5.58 1.41 -13.46
N THR A 85 4.35 1.07 -13.52
CA THR A 85 3.29 1.49 -12.59
C THR A 85 2.54 0.31 -12.08
N ALA A 86 2.37 0.14 -10.79
CA ALA A 86 1.48 -0.86 -10.19
C ALA A 86 0.19 -0.26 -9.83
N VAL A 87 -0.92 -0.91 -10.15
CA VAL A 87 -2.30 -0.44 -9.81
C VAL A 87 -2.91 -1.32 -8.81
N PHE A 88 -3.47 -0.80 -7.71
CA PHE A 88 -4.17 -1.53 -6.71
C PHE A 88 -5.59 -0.94 -6.60
N THR A 89 -6.62 -1.76 -6.50
CA THR A 89 -8.02 -1.20 -6.50
C THR A 89 -8.68 -1.46 -5.17
N LYS A 90 -9.63 -0.62 -4.85
CA LYS A 90 -10.38 -0.79 -3.64
C LYS A 90 -11.04 -2.19 -3.59
N GLU A 91 -11.64 -2.63 -4.70
CA GLU A 91 -12.33 -3.92 -4.63
C GLU A 91 -11.31 -5.03 -4.29
N GLN A 92 -10.11 -5.01 -4.89
CA GLN A 92 -9.11 -6.00 -4.61
C GLN A 92 -8.72 -5.93 -3.12
N ILE A 93 -8.47 -4.69 -2.64
CA ILE A 93 -8.01 -4.50 -1.24
C ILE A 93 -9.06 -5.03 -0.28
N ALA A 94 -10.34 -4.71 -0.55
CA ALA A 94 -11.42 -5.13 0.34
C ALA A 94 -11.51 -6.66 0.37
N LYS A 95 -11.28 -7.34 -0.74
CA LYS A 95 -11.33 -8.80 -0.75
CA LYS A 95 -11.39 -8.79 -0.70
C LYS A 95 -10.24 -9.32 0.20
N ALA A 96 -9.01 -8.76 0.09
CA ALA A 96 -7.90 -9.21 0.95
C ALA A 96 -8.08 -8.79 2.39
N TYR A 97 -8.73 -7.67 2.68
CA TYR A 97 -8.95 -7.22 4.03
C TYR A 97 -10.10 -7.93 4.69
N GLY A 98 -10.94 -8.62 3.90
CA GLY A 98 -12.05 -9.35 4.46
C GLY A 98 -13.34 -8.59 4.39
N SER A 99 -13.33 -7.33 4.07
CA SER A 99 -14.53 -6.45 3.94
C SER A 99 -14.03 -5.11 3.38
N ASP A 100 -15.03 -4.31 2.96
CA ASP A 100 -14.77 -2.93 2.62
C ASP A 100 -15.07 -2.00 3.80
N ASP A 101 -15.09 -2.49 5.00
CA ASP A 101 -15.33 -1.61 6.10
C ASP A 101 -13.92 -1.33 6.71
N PHE A 102 -13.46 -0.11 6.49
CA PHE A 102 -12.14 0.34 6.97
C PHE A 102 -12.22 1.09 8.28
N SER A 103 -13.32 0.93 9.04
CA SER A 103 -13.48 1.63 10.31
C SER A 103 -12.48 1.23 11.38
N ASP A 104 -11.81 0.05 11.17
CA ASP A 104 -10.85 -0.48 12.13
C ASP A 104 -9.47 -0.59 11.48
N LEU A 105 -9.20 0.06 10.40
CA LEU A 105 -7.88 -0.05 9.69
C LEU A 105 -6.76 0.59 10.45
N ASP A 106 -5.72 -0.12 10.85
CA ASP A 106 -4.58 0.46 11.57
C ASP A 106 -3.46 0.94 10.73
N TYR A 107 -3.25 0.39 9.54
CA TYR A 107 -1.97 0.57 8.81
C TYR A 107 -2.13 0.40 7.31
N ILE A 108 -1.52 1.25 6.53
CA ILE A 108 -1.35 1.10 5.10
C ILE A 108 0.09 1.22 4.80
N GLY A 109 0.73 0.24 4.10
CA GLY A 109 2.15 0.33 3.76
C GLY A 109 2.43 -0.10 2.36
N VAL A 110 3.32 0.54 1.67
CA VAL A 110 3.82 0.10 0.36
C VAL A 110 5.19 -0.41 0.61
N LYS A 111 5.52 -1.66 0.22
CA LYS A 111 6.78 -2.32 0.60
C LYS A 111 7.35 -3.07 -0.58
N PRO A 112 8.66 -3.16 -0.60
CA PRO A 112 9.33 -3.97 -1.67
C PRO A 112 9.46 -5.46 -1.22
N LEU A 113 9.54 -6.32 -2.24
CA LEU A 113 10.02 -7.66 -2.02
C LEU A 113 11.52 -7.58 -2.15
N PRO A 114 12.25 -8.64 -1.72
CA PRO A 114 13.76 -8.57 -1.70
C PRO A 114 14.30 -8.41 -3.12
N SER A 115 15.40 -7.60 -3.24
CA SER A 115 16.10 -7.39 -4.50
C SER A 115 17.51 -6.99 -4.20
N ALA A 116 18.37 -7.15 -5.24
CA ALA A 116 19.78 -6.73 -5.04
C ALA A 116 19.95 -5.25 -5.05
N ASP A 117 19.16 -4.51 -5.83
CA ASP A 117 19.38 -3.08 -6.08
C ASP A 117 18.51 -2.15 -5.23
N GLY A 118 17.52 -2.73 -4.56
CA GLY A 118 16.54 -1.93 -3.83
C GLY A 118 15.48 -1.37 -4.75
N MET A 119 14.33 -0.97 -4.16
CA MET A 119 13.19 -0.43 -4.91
C MET A 119 13.22 1.09 -4.83
N THR A 120 12.93 1.77 -5.90
CA THR A 120 12.72 3.26 -5.88
C THR A 120 11.33 3.57 -6.30
N VAL A 121 10.60 4.30 -5.49
CA VAL A 121 9.26 4.80 -5.80
C VAL A 121 9.38 6.25 -6.22
N THR A 122 8.81 6.67 -7.33
CA THR A 122 8.84 8.05 -7.76
C THR A 122 7.46 8.72 -7.63
N LYS A 123 6.37 8.00 -7.52
CA LYS A 123 5.06 8.65 -7.41
C LYS A 123 4.07 7.68 -6.78
N ILE A 124 3.20 8.19 -5.95
CA ILE A 124 2.07 7.42 -5.42
C ILE A 124 0.88 8.33 -5.59
N VAL A 125 -0.18 7.85 -6.24
CA VAL A 125 -1.39 8.65 -6.53
CA VAL A 125 -1.40 8.67 -6.41
C VAL A 125 -2.60 7.88 -6.06
N ALA A 126 -3.57 8.50 -5.40
CA ALA A 126 -4.89 7.94 -5.16
C ALA A 126 -5.84 8.58 -6.14
N SER A 127 -6.68 7.80 -6.81
CA SER A 127 -7.69 8.46 -7.66
CA SER A 127 -7.59 8.26 -7.85
C SER A 127 -9.00 7.81 -7.41
N TYR A 128 -10.07 8.49 -7.62
CA TYR A 128 -11.41 8.05 -7.39
C TYR A 128 -12.05 7.65 -8.69
N THR A 129 -12.69 6.50 -8.73
CA THR A 129 -13.16 5.87 -9.98
C THR A 129 -14.67 5.79 -9.87
N SER A 130 -15.34 5.40 -10.97
CA SER A 130 -16.81 5.09 -10.96
C SER A 130 -17.20 3.97 -9.99
N GLY A 131 -16.83 2.81 -10.18
C2 BGC B . 6.92 -14.63 2.36
C3 BGC B . 6.52 -13.17 2.81
C4 BGC B . 6.44 -13.25 4.40
C5 BGC B . 7.90 -13.67 4.99
C6 BGC B . 7.80 -14.18 6.44
C1 BGC B . 8.42 -14.74 2.83
O1 BGC B . 8.97 -15.96 2.36
O2 BGC B . 6.81 -14.70 0.96
O3 BGC B . 5.31 -12.68 2.18
O4 BGC B . 6.08 -12.04 5.00
O5 BGC B . 8.53 -14.78 4.29
O6 BGC B . 9.00 -13.82 7.10
C2 BGC B . 6.46 -10.76 6.80
C3 BGC B . 6.16 -10.24 8.27
C4 BGC B . 4.70 -9.87 8.29
C5 BGC B . 3.91 -11.25 8.14
C6 BGC B . 2.47 -11.04 8.45
C1 BGC B . 5.41 -11.90 6.28
O2 BGC B . 7.74 -11.26 6.83
O3 BGC B . 6.83 -9.03 8.66
O4 BGC B . 4.34 -9.27 9.53
O5 BGC B . 4.01 -11.81 6.79
O6 BGC B . 2.51 -10.61 9.75
C2 BGC B . 3.64 -9.02 12.34
C3 BGC B . 2.90 -7.71 12.76
C4 BGC B . 3.99 -6.57 12.81
C5 BGC B . 4.63 -6.39 11.39
C6 BGC B . 5.75 -5.31 11.44
C1 BGC B . 4.28 -8.78 10.88
O2 BGC B . 2.71 -10.04 12.32
O3 BGC B . 2.38 -7.81 14.05
O4 BGC B . 3.50 -5.32 13.15
O5 BGC B . 5.23 -7.68 10.91
O6 BGC B . 5.14 -4.13 11.88
C2 BGC B . 3.15 -3.09 14.38
C3 BGC B . 2.87 -2.56 15.81
C4 BGC B . 1.65 -3.32 16.36
C5 BGC B . 2.13 -4.84 16.43
C6 BGC B . 1.17 -5.90 17.12
C1 BGC B . 3.33 -4.67 14.42
O2 BGC B . 4.35 -2.50 13.94
O3 BGC B . 2.54 -1.22 15.79
O4 BGC B . 1.33 -2.86 17.64
O5 BGC B . 2.22 -5.27 15.09
O6 BGC B . 0.06 -5.24 17.70
#